data_3OOS
#
_entry.id   3OOS
#
_cell.length_a   73.717
_cell.length_b   80.839
_cell.length_c   113.867
_cell.angle_alpha   90.00
_cell.angle_beta   90.00
_cell.angle_gamma   90.00
#
_symmetry.space_group_name_H-M   'I 2 2 2'
#
loop_
_entity.id
_entity.type
_entity.pdbx_description
1 polymer 'Alpha/beta hydrolase family protein'
2 non-polymer 'SULFATE ION'
3 non-polymer GLYCEROL
4 non-polymer 'TETRAETHYLENE GLYCOL'
5 water water
#
_entity_poly.entity_id   1
_entity_poly.type   'polypeptide(L)'
_entity_poly.pdbx_seq_one_letter_code
;A(MSE)WTTNIIKTPRGKFEYFLKGEGPPLCVTHLYSEYNDNGNTFANPFTDHYSVYLVNLKGCGNSDSAKNDSEYS
(MSE)TETIKDLEAIREALYINKWGFAGHSAGG(MSE)LALVYATEAQESLTKIIVGGAAASKEYASHKDSIYCSKNVKF
NRIVSI(MSE)NALNDDSTVQEERKALSREWAL(MSE)SFYSEEKLEEALKLPNSGKTVGNRLNYFRQVEYKDYDVRQKL
KFVKIPSFIYCGKHDVQCPYIFSCEIANLIPNATLTKFEESNHNPFVEEIDKFNQFVNDTL
;
_entity_poly.pdbx_strand_id   A
#
# COMPACT_ATOMS: atom_id res chain seq x y z
N ALA A 1 0.64 -21.62 9.98
CA ALA A 1 1.09 -20.65 8.94
C ALA A 1 -0.08 -20.06 8.16
N TRP A 3 -3.44 -17.42 7.84
CA TRP A 3 -3.94 -16.14 8.31
C TRP A 3 -5.24 -16.33 9.08
N THR A 4 -5.28 -15.80 10.30
CA THR A 4 -6.49 -15.85 11.13
C THR A 4 -7.43 -14.70 10.77
N THR A 5 -8.70 -15.03 10.56
CA THR A 5 -9.74 -14.01 10.34
C THR A 5 -10.26 -13.50 11.67
N ASN A 6 -10.26 -12.17 11.82
CA ASN A 6 -10.72 -11.51 13.04
C ASN A 6 -11.70 -10.41 12.73
N ILE A 7 -12.67 -10.21 13.62
N ILE A 7 -12.66 -10.19 13.62
CA ILE A 7 -13.53 -9.03 13.61
CA ILE A 7 -13.49 -8.99 13.55
C ILE A 7 -13.38 -8.34 14.96
C ILE A 7 -13.51 -8.30 14.91
N ILE A 8 -13.06 -7.05 14.92
CA ILE A 8 -12.86 -6.27 16.15
C ILE A 8 -13.82 -5.09 16.18
N LYS A 9 -14.42 -4.86 17.35
CA LYS A 9 -15.32 -3.72 17.54
CA LYS A 9 -15.33 -3.73 17.57
C LYS A 9 -14.59 -2.57 18.22
N THR A 10 -14.68 -1.38 17.63
CA THR A 10 -14.04 -0.18 18.18
C THR A 10 -15.06 0.96 18.24
N PRO A 11 -14.74 2.05 18.98
CA PRO A 11 -15.61 3.24 19.00
C PRO A 11 -15.79 3.87 17.61
N ARG A 12 -14.88 3.54 16.68
CA ARG A 12 -14.94 4.06 15.32
C ARG A 12 -15.53 3.06 14.32
N GLY A 13 -16.04 1.95 14.83
CA GLY A 13 -16.71 0.94 14.01
C GLY A 13 -16.09 -0.44 14.12
N LYS A 14 -16.68 -1.38 13.38
CA LYS A 14 -16.21 -2.76 13.33
CA LYS A 14 -16.19 -2.75 13.34
C LYS A 14 -15.30 -2.97 12.13
N PHE A 15 -14.15 -3.61 12.37
CA PHE A 15 -13.17 -3.86 11.32
C PHE A 15 -12.76 -5.32 11.27
N GLU A 16 -12.64 -5.83 10.05
CA GLU A 16 -12.09 -7.13 9.78
C GLU A 16 -10.58 -7.00 9.55
N TYR A 17 -9.81 -7.90 10.15
CA TYR A 17 -8.37 -7.95 9.89
C TYR A 17 -7.87 -9.38 10.02
N PHE A 18 -6.69 -9.63 9.45
CA PHE A 18 -6.11 -10.95 9.44
C PHE A 18 -4.79 -10.93 10.18
N LEU A 19 -4.58 -11.93 11.02
CA LEU A 19 -3.36 -12.04 11.81
C LEU A 19 -2.50 -13.22 11.38
N LYS A 20 -1.20 -12.98 11.23
CA LYS A 20 -0.23 -14.05 11.02
C LYS A 20 1.13 -13.61 11.55
N GLY A 21 1.79 -14.52 12.27
CA GLY A 21 3.17 -14.30 12.68
C GLY A 21 3.34 -14.05 14.17
N GLU A 22 4.56 -14.28 14.63
CA GLU A 22 4.98 -13.97 16.00
C GLU A 22 6.02 -12.87 15.96
N GLY A 23 6.03 -12.04 16.99
CA GLY A 23 7.02 -10.98 17.11
C GLY A 23 6.35 -9.65 17.38
N PRO A 24 7.10 -8.55 17.24
CA PRO A 24 6.55 -7.21 17.45
C PRO A 24 5.36 -6.96 16.51
N PRO A 25 4.38 -6.16 16.96
CA PRO A 25 3.20 -5.92 16.13
C PRO A 25 3.50 -5.01 14.94
N LEU A 26 2.94 -5.37 13.79
CA LEU A 26 3.08 -4.60 12.57
C LEU A 26 1.74 -4.52 11.87
N CYS A 27 1.24 -3.31 11.69
CA CYS A 27 0.02 -3.07 10.92
C CYS A 27 0.37 -2.95 9.44
N VAL A 28 -0.38 -3.67 8.60
CA VAL A 28 -0.23 -3.58 7.15
C VAL A 28 -1.60 -3.34 6.54
N THR A 29 -1.70 -2.34 5.67
CA THR A 29 -2.91 -2.15 4.87
C THR A 29 -2.57 -1.40 3.59
N HIS A 30 -3.59 -1.15 2.79
CA HIS A 30 -3.44 -0.41 1.54
C HIS A 30 -4.56 0.61 1.49
N LEU A 31 -4.40 1.64 0.67
CA LEU A 31 -5.36 2.74 0.64
C LEU A 31 -6.69 2.38 -0.03
N TYR A 32 -6.69 1.42 -0.95
CA TYR A 32 -7.91 1.06 -1.66
C TYR A 32 -7.96 -0.40 -2.11
N SER A 33 -7.70 -1.30 -1.17
CA SER A 33 -7.72 -2.74 -1.44
C SER A 33 -8.44 -3.49 -0.32
N GLU A 34 -9.07 -4.60 -0.68
CA GLU A 34 -9.68 -5.47 0.32
C GLU A 34 -9.05 -6.86 0.30
N TYR A 35 -8.83 -7.40 1.48
CA TYR A 35 -8.12 -8.65 1.67
C TYR A 35 -9.04 -9.77 2.15
N ASN A 36 -8.57 -11.01 2.01
CA ASN A 36 -9.21 -12.18 2.60
C ASN A 36 -8.15 -13.05 3.28
N ASP A 37 -8.56 -14.22 3.78
CA ASP A 37 -7.64 -15.04 4.58
C ASP A 37 -6.51 -15.74 3.81
N ASN A 38 -6.44 -15.51 2.50
CA ASN A 38 -5.25 -15.89 1.73
C ASN A 38 -4.06 -15.02 2.11
N GLY A 39 -4.35 -13.90 2.76
CA GLY A 39 -3.31 -12.93 3.11
C GLY A 39 -2.90 -12.12 1.89
N ASN A 40 -1.63 -11.73 1.86
CA ASN A 40 -1.14 -10.81 0.85
C ASN A 40 0.36 -10.94 0.69
N THR A 41 0.84 -10.84 -0.54
CA THR A 41 2.26 -11.11 -0.85
C THR A 41 3.24 -10.05 -0.38
N PHE A 42 2.75 -8.83 -0.16
CA PHE A 42 3.55 -7.79 0.49
C PHE A 42 3.60 -8.01 2.01
N ALA A 43 2.47 -8.35 2.60
CA ALA A 43 2.38 -8.58 4.04
C ALA A 43 3.11 -9.86 4.49
N ASN A 44 3.05 -10.89 3.67
CA ASN A 44 3.51 -12.23 4.08
C ASN A 44 4.96 -12.33 4.54
N PRO A 45 5.92 -11.71 3.80
CA PRO A 45 7.31 -11.81 4.28
C PRO A 45 7.52 -11.26 5.68
N PHE A 46 6.72 -10.28 6.08
CA PHE A 46 6.85 -9.70 7.42
C PHE A 46 6.47 -10.68 8.54
N THR A 47 5.64 -11.67 8.22
CA THR A 47 5.18 -12.66 9.20
C THR A 47 6.29 -13.56 9.72
N ASP A 48 7.43 -13.57 9.04
CA ASP A 48 8.61 -14.29 9.52
C ASP A 48 9.22 -13.66 10.78
N HIS A 49 8.92 -12.38 11.02
CA HIS A 49 9.56 -11.63 12.11
C HIS A 49 8.63 -10.75 12.94
N TYR A 50 7.41 -10.56 12.45
CA TYR A 50 6.43 -9.71 13.10
C TYR A 50 5.10 -10.42 13.27
N SER A 51 4.31 -9.97 14.25
N SER A 51 4.30 -9.96 14.24
CA SER A 51 2.90 -10.29 14.31
CA SER A 51 2.89 -10.33 14.29
C SER A 51 2.21 -9.29 13.38
C SER A 51 2.13 -9.33 13.42
N VAL A 52 1.76 -9.78 12.23
CA VAL A 52 1.21 -8.89 11.19
C VAL A 52 -0.31 -8.79 11.25
N TYR A 53 -0.78 -7.56 11.38
CA TYR A 53 -2.21 -7.24 11.37
C TYR A 53 -2.56 -6.65 10.01
N LEU A 54 -3.13 -7.50 9.15
CA LEU A 54 -3.51 -7.11 7.80
C LEU A 54 -4.96 -6.61 7.82
N VAL A 55 -5.13 -5.29 7.74
CA VAL A 55 -6.41 -4.64 8.03
C VAL A 55 -7.25 -4.35 6.78
N ASN A 56 -8.54 -4.71 6.87
CA ASN A 56 -9.54 -4.22 5.93
C ASN A 56 -10.12 -2.90 6.44
N LEU A 57 -9.89 -1.83 5.67
CA LEU A 57 -10.34 -0.49 6.07
C LEU A 57 -11.85 -0.35 5.88
N LYS A 58 -12.38 0.82 6.27
CA LYS A 58 -13.78 1.15 6.04
C LYS A 58 -14.09 0.92 4.56
N GLY A 59 -15.18 0.21 4.29
CA GLY A 59 -15.60 -0.08 2.92
C GLY A 59 -14.93 -1.30 2.29
N CYS A 60 -14.13 -2.03 3.07
CA CYS A 60 -13.36 -3.18 2.57
C CYS A 60 -13.76 -4.47 3.25
N GLY A 61 -13.97 -5.52 2.46
CA GLY A 61 -14.29 -6.83 3.01
C GLY A 61 -15.48 -6.80 3.94
N ASN A 62 -15.31 -7.38 5.13
CA ASN A 62 -16.39 -7.42 6.11
C ASN A 62 -16.33 -6.32 7.17
N SER A 63 -15.46 -5.34 6.97
CA SER A 63 -15.45 -4.14 7.81
C SER A 63 -16.70 -3.31 7.52
N ASP A 64 -17.04 -2.41 8.44
CA ASP A 64 -18.18 -1.50 8.26
C ASP A 64 -18.02 -0.67 7.01
N SER A 65 -19.14 -0.30 6.40
N SER A 65 -19.15 -0.32 6.39
CA SER A 65 -19.15 0.57 5.24
CA SER A 65 -19.16 0.57 5.24
C SER A 65 -19.21 2.02 5.68
C SER A 65 -19.17 2.03 5.70
N ALA A 66 -18.82 2.94 4.79
CA ALA A 66 -18.80 4.37 5.10
C ALA A 66 -20.18 5.00 4.97
N LYS A 67 -20.49 5.89 5.91
CA LYS A 67 -21.76 6.64 5.91
CA LYS A 67 -21.76 6.63 5.87
C LYS A 67 -21.59 7.98 5.18
N ASN A 68 -20.34 8.42 5.07
CA ASN A 68 -20.00 9.61 4.29
CA ASN A 68 -19.98 9.66 4.37
C ASN A 68 -18.63 9.47 3.66
N ASP A 69 -18.45 10.11 2.51
CA ASP A 69 -17.22 9.97 1.73
C ASP A 69 -15.95 10.37 2.51
N SER A 70 -16.08 11.35 3.40
N SER A 70 -16.07 11.35 3.40
CA SER A 70 -14.95 11.83 4.21
CA SER A 70 -14.95 11.83 4.20
C SER A 70 -14.30 10.72 5.04
C SER A 70 -14.30 10.71 5.03
N GLU A 71 -15.06 9.66 5.31
CA GLU A 71 -14.54 8.51 6.07
C GLU A 71 -13.43 7.76 5.34
N TYR A 72 -13.31 8.00 4.03
CA TYR A 72 -12.27 7.37 3.20
C TYR A 72 -10.93 8.10 3.24
N SER A 73 -10.90 9.31 3.80
CA SER A 73 -9.69 10.13 3.75
C SER A 73 -8.54 9.47 4.51
N THR A 75 -6.52 10.93 6.63
N THR A 75 -6.50 10.83 6.67
CA THR A 75 -6.60 11.37 8.01
CA THR A 75 -6.49 11.21 8.09
C THR A 75 -7.53 10.48 8.83
C THR A 75 -7.57 10.49 8.90
N GLU A 76 -8.73 10.24 8.28
CA GLU A 76 -9.77 9.45 8.96
C GLU A 76 -9.36 7.98 9.05
N THR A 77 -8.64 7.52 8.01
CA THR A 77 -8.07 6.17 8.01
C THR A 77 -7.10 5.98 9.18
N ILE A 78 -6.24 6.96 9.41
CA ILE A 78 -5.30 6.89 10.54
C ILE A 78 -6.04 6.81 11.88
N LYS A 79 -7.09 7.59 12.03
N LYS A 79 -7.10 7.60 12.03
CA LYS A 79 -7.94 7.55 13.23
CA LYS A 79 -7.92 7.54 13.25
C LYS A 79 -8.54 6.15 13.43
C LYS A 79 -8.52 6.14 13.43
N ASP A 80 -8.96 5.53 12.34
CA ASP A 80 -9.48 4.15 12.37
C ASP A 80 -8.40 3.16 12.81
N LEU A 81 -7.22 3.27 12.23
CA LEU A 81 -6.10 2.39 12.59
C LEU A 81 -5.69 2.58 14.05
N GLU A 82 -5.73 3.83 14.51
CA GLU A 82 -5.43 4.14 15.90
C GLU A 82 -6.44 3.52 16.85
N ALA A 83 -7.72 3.54 16.45
CA ALA A 83 -8.78 2.92 17.24
C ALA A 83 -8.60 1.40 17.33
N ILE A 84 -8.16 0.79 16.23
CA ILE A 84 -7.87 -0.65 16.20
C ILE A 84 -6.71 -0.95 17.15
N ARG A 85 -5.64 -0.17 17.01
CA ARG A 85 -4.48 -0.30 17.91
C ARG A 85 -4.88 -0.24 19.39
N GLU A 86 -5.68 0.77 19.74
N GLU A 86 -5.67 0.76 19.75
CA GLU A 86 -6.17 0.95 21.11
CA GLU A 86 -6.14 0.92 21.13
C GLU A 86 -7.06 -0.20 21.59
C GLU A 86 -7.03 -0.25 21.57
N ALA A 87 -7.90 -0.70 20.69
CA ALA A 87 -8.81 -1.82 20.98
C ALA A 87 -8.05 -3.14 21.17
N LEU A 88 -6.86 -3.21 20.59
CA LEU A 88 -5.96 -4.35 20.77
C LEU A 88 -5.06 -4.19 21.99
N TYR A 89 -5.21 -3.07 22.71
CA TYR A 89 -4.36 -2.76 23.87
C TYR A 89 -2.86 -2.84 23.51
N ILE A 90 -2.54 -2.32 22.33
CA ILE A 90 -1.17 -2.21 21.85
C ILE A 90 -0.76 -0.76 22.02
N ASN A 91 0.37 -0.53 22.70
CA ASN A 91 0.84 0.83 22.95
C ASN A 91 1.43 1.47 21.69
N LYS A 92 2.32 0.73 21.03
CA LYS A 92 2.92 1.17 19.78
CA LYS A 92 2.93 1.16 19.79
C LYS A 92 3.06 -0.01 18.83
N TRP A 93 2.92 0.25 17.54
CA TRP A 93 3.18 -0.78 16.53
C TRP A 93 3.85 -0.19 15.29
N GLY A 94 4.35 -1.06 14.43
CA GLY A 94 4.94 -0.62 13.16
C GLY A 94 3.83 -0.48 12.14
N PHE A 95 4.09 0.31 11.09
CA PHE A 95 3.21 0.33 9.94
C PHE A 95 3.99 0.14 8.65
N ALA A 96 3.52 -0.78 7.82
CA ALA A 96 4.13 -1.06 6.53
C ALA A 96 3.11 -0.92 5.41
N GLY A 97 3.49 -0.19 4.37
CA GLY A 97 2.61 0.01 3.21
C GLY A 97 3.40 0.12 1.92
N HIS A 98 2.77 -0.31 0.84
CA HIS A 98 3.37 -0.28 -0.50
C HIS A 98 2.53 0.56 -1.45
N SER A 99 3.22 1.42 -2.20
CA SER A 99 2.62 2.29 -3.22
C SER A 99 1.66 3.27 -2.57
N ALA A 100 0.36 3.22 -2.90
CA ALA A 100 -0.60 4.08 -2.19
C ALA A 100 -0.62 3.79 -0.69
N GLY A 101 -0.38 2.52 -0.33
CA GLY A 101 -0.20 2.14 1.08
C GLY A 101 1.01 2.80 1.72
N GLY A 102 2.04 3.04 0.93
CA GLY A 102 3.24 3.77 1.39
C GLY A 102 2.93 5.23 1.68
N LEU A 104 0.03 6.25 2.64
CA LEU A 104 -0.71 6.15 3.90
C LEU A 104 0.24 6.03 5.09
N ALA A 105 1.32 5.27 4.93
CA ALA A 105 2.37 5.15 5.96
C ALA A 105 2.96 6.50 6.34
N LEU A 106 3.23 7.33 5.34
CA LEU A 106 3.79 8.66 5.57
C LEU A 106 2.81 9.54 6.34
N VAL A 107 1.53 9.44 5.99
CA VAL A 107 0.49 10.18 6.73
C VAL A 107 0.33 9.65 8.16
N TYR A 108 0.44 8.34 8.35
CA TYR A 108 0.44 7.80 9.73
C TYR A 108 1.55 8.45 10.54
N ALA A 109 2.74 8.56 9.95
CA ALA A 109 3.88 9.17 10.63
C ALA A 109 3.66 10.66 10.92
N THR A 110 3.11 11.39 9.96
CA THR A 110 2.94 12.83 10.17
C THR A 110 1.81 13.17 11.16
N GLU A 111 0.78 12.33 11.20
N GLU A 111 0.80 12.31 11.21
CA GLU A 111 -0.34 12.56 12.11
CA GLU A 111 -0.37 12.51 12.06
C GLU A 111 -0.06 12.00 13.49
C GLU A 111 -0.21 11.92 13.46
N ALA A 112 0.50 10.80 13.55
CA ALA A 112 0.56 10.03 14.80
C ALA A 112 1.84 9.21 15.01
N GLN A 113 2.99 9.81 14.74
CA GLN A 113 4.26 9.07 14.85
C GLN A 113 4.52 8.52 16.25
N GLU A 114 3.94 9.15 17.27
CA GLU A 114 4.16 8.72 18.65
CA GLU A 114 4.16 8.73 18.64
C GLU A 114 3.63 7.32 18.90
N SER A 115 2.66 6.89 18.07
CA SER A 115 2.10 5.54 18.17
C SER A 115 2.86 4.49 17.36
N LEU A 116 3.90 4.92 16.64
CA LEU A 116 4.60 4.03 15.71
C LEU A 116 6.02 3.69 16.15
N THR A 117 6.36 2.40 16.08
CA THR A 117 7.73 1.94 16.34
C THR A 117 8.62 2.20 15.13
N LYS A 118 8.00 2.23 13.95
CA LYS A 118 8.68 2.40 12.67
C LYS A 118 7.66 2.49 11.54
N ILE A 119 8.10 3.00 10.40
CA ILE A 119 7.34 2.83 9.15
C ILE A 119 8.20 2.12 8.10
N ILE A 120 7.54 1.29 7.30
CA ILE A 120 8.14 0.69 6.12
C ILE A 120 7.35 1.22 4.93
N VAL A 121 8.06 1.82 3.97
CA VAL A 121 7.43 2.58 2.90
C VAL A 121 7.98 2.16 1.55
N GLY A 122 7.17 1.48 0.75
CA GLY A 122 7.60 0.97 -0.55
C GLY A 122 6.97 1.67 -1.73
N GLY A 123 7.78 1.94 -2.75
CA GLY A 123 7.30 2.47 -4.04
C GLY A 123 6.34 3.64 -3.93
N ALA A 124 6.62 4.57 -3.03
CA ALA A 124 5.70 5.67 -2.76
C ALA A 124 6.27 7.03 -3.17
N ALA A 125 5.59 8.08 -2.74
CA ALA A 125 6.02 9.45 -3.02
C ALA A 125 5.53 10.33 -1.89
N ALA A 126 6.25 11.42 -1.64
CA ALA A 126 5.90 12.36 -0.57
C ALA A 126 4.90 13.42 -1.02
N SER A 127 4.57 13.45 -2.31
CA SER A 127 3.56 14.36 -2.83
C SER A 127 2.94 13.82 -4.12
N LYS A 128 1.94 14.53 -4.62
CA LYS A 128 1.27 14.20 -5.87
C LYS A 128 2.16 14.36 -7.11
N GLU A 129 3.37 14.90 -6.92
CA GLU A 129 4.23 15.24 -8.05
CA GLU A 129 4.31 15.23 -7.99
C GLU A 129 4.75 14.01 -8.82
N TYR A 130 4.61 12.81 -8.24
CA TYR A 130 4.98 11.59 -8.96
C TYR A 130 4.24 11.46 -10.29
N ALA A 131 2.97 11.86 -10.32
CA ALA A 131 2.15 11.71 -11.51
C ALA A 131 2.43 12.77 -12.58
N SER A 132 3.32 13.71 -12.27
CA SER A 132 3.74 14.74 -13.22
CA SER A 132 3.74 14.74 -13.22
C SER A 132 5.20 14.53 -13.67
N HIS A 133 5.78 13.39 -13.27
CA HIS A 133 7.13 13.04 -13.65
C HIS A 133 7.10 12.18 -14.92
N LYS A 134 7.94 12.51 -15.89
CA LYS A 134 7.90 11.84 -17.20
CA LYS A 134 7.95 11.85 -17.20
C LYS A 134 8.17 10.32 -17.16
N ASP A 135 8.76 9.83 -16.07
CA ASP A 135 9.03 8.40 -15.92
C ASP A 135 7.86 7.63 -15.30
N SER A 136 6.80 8.34 -14.92
CA SER A 136 5.59 7.71 -14.40
C SER A 136 4.56 7.50 -15.49
N ILE A 137 3.94 6.33 -15.49
CA ILE A 137 2.85 6.01 -16.42
C ILE A 137 1.64 6.95 -16.26
N TYR A 138 1.57 7.63 -15.12
CA TYR A 138 0.47 8.55 -14.83
C TYR A 138 0.68 9.94 -15.43
N CYS A 139 1.87 10.17 -15.98
CA CYS A 139 2.22 11.46 -16.58
C CYS A 139 2.00 11.45 -18.09
N SER A 140 1.37 12.52 -18.60
CA SER A 140 1.05 12.61 -20.03
C SER A 140 2.27 12.64 -20.95
N LYS A 141 3.44 12.93 -20.38
CA LYS A 141 4.70 12.91 -21.12
C LYS A 141 5.19 11.48 -21.38
N ASN A 142 4.66 10.53 -20.61
CA ASN A 142 5.07 9.13 -20.70
C ASN A 142 4.39 8.42 -21.86
N VAL A 143 5.16 7.58 -22.55
CA VAL A 143 4.68 6.86 -23.73
CA VAL A 143 4.66 6.86 -23.73
C VAL A 143 3.48 5.94 -23.41
N LYS A 144 3.42 5.44 -22.18
CA LYS A 144 2.38 4.49 -21.75
CA LYS A 144 2.38 4.49 -21.77
C LYS A 144 1.10 5.17 -21.28
N PHE A 145 1.13 6.49 -21.14
CA PHE A 145 0.02 7.27 -20.54
C PHE A 145 -1.37 6.96 -21.09
N ASN A 146 -1.52 7.07 -22.41
CA ASN A 146 -2.83 6.86 -23.04
C ASN A 146 -3.39 5.47 -22.81
N ARG A 147 -2.52 4.46 -22.95
CA ARG A 147 -2.95 3.07 -22.75
C ARG A 147 -3.37 2.85 -21.30
N ILE A 148 -2.60 3.41 -20.37
CA ILE A 148 -2.86 3.25 -18.94
C ILE A 148 -4.18 3.91 -18.52
N VAL A 149 -4.46 5.08 -19.07
CA VAL A 149 -5.75 5.73 -18.82
C VAL A 149 -6.90 4.81 -19.24
N SER A 150 -6.77 4.23 -20.44
CA SER A 150 -7.79 3.33 -20.97
CA SER A 150 -7.78 3.33 -20.97
C SER A 150 -7.96 2.08 -20.10
N ILE A 151 -6.84 1.48 -19.69
CA ILE A 151 -6.87 0.30 -18.83
C ILE A 151 -7.54 0.61 -17.48
N ASN A 153 -9.58 3.06 -16.63
CA ASN A 153 -11.00 3.37 -16.80
C ASN A 153 -11.84 2.10 -16.94
N ALA A 154 -11.33 1.13 -17.70
CA ALA A 154 -12.04 -0.11 -17.93
C ALA A 154 -12.05 -1.01 -16.68
N LEU A 155 -10.93 -1.04 -15.95
CA LEU A 155 -10.87 -1.81 -14.72
C LEU A 155 -11.77 -1.25 -13.62
N ASN A 156 -11.96 0.08 -13.62
CA ASN A 156 -12.84 0.77 -12.66
C ASN A 156 -14.33 0.71 -13.02
N ASP A 157 -14.63 0.08 -14.15
CA ASP A 157 -16.02 -0.13 -14.56
C ASP A 157 -16.48 -1.54 -14.18
N ASP A 158 -17.50 -1.60 -13.31
CA ASP A 158 -18.03 -2.86 -12.84
CA ASP A 158 -18.05 -2.85 -12.83
C ASP A 158 -18.71 -3.68 -13.95
N SER A 159 -19.01 -3.02 -15.07
CA SER A 159 -19.67 -3.68 -16.20
CA SER A 159 -19.67 -3.69 -16.19
C SER A 159 -18.70 -4.34 -17.16
N THR A 160 -17.40 -4.08 -16.98
CA THR A 160 -16.37 -4.70 -17.83
C THR A 160 -16.47 -6.22 -17.76
N VAL A 161 -16.52 -6.86 -18.93
CA VAL A 161 -16.72 -8.31 -19.01
C VAL A 161 -15.50 -9.09 -18.53
N GLN A 162 -15.74 -10.30 -18.03
CA GLN A 162 -14.72 -11.14 -17.39
CA GLN A 162 -14.70 -11.10 -17.39
C GLN A 162 -13.47 -11.32 -18.25
N GLU A 163 -13.67 -11.67 -19.53
CA GLU A 163 -12.55 -11.91 -20.43
CA GLU A 163 -12.55 -11.90 -20.45
C GLU A 163 -11.70 -10.66 -20.66
N GLU A 164 -12.36 -9.50 -20.73
CA GLU A 164 -11.64 -8.23 -20.89
C GLU A 164 -10.89 -7.88 -19.60
N ARG A 165 -11.55 -8.03 -18.46
CA ARG A 165 -10.90 -7.79 -17.17
C ARG A 165 -9.65 -8.66 -17.01
N LYS A 166 -9.75 -9.92 -17.41
CA LYS A 166 -8.62 -10.85 -17.34
C LYS A 166 -7.44 -10.36 -18.18
N ALA A 167 -7.73 -9.97 -19.41
CA ALA A 167 -6.70 -9.47 -20.33
C ALA A 167 -6.04 -8.20 -19.80
N LEU A 168 -6.85 -7.27 -19.33
CA LEU A 168 -6.35 -5.98 -18.79
C LEU A 168 -5.48 -6.18 -17.56
N SER A 169 -5.89 -7.08 -16.68
CA SER A 169 -5.16 -7.38 -15.45
C SER A 169 -3.80 -7.99 -15.77
N ARG A 170 -3.77 -8.85 -16.78
CA ARG A 170 -2.54 -9.48 -17.26
CA ARG A 170 -2.53 -9.47 -17.23
C ARG A 170 -1.59 -8.42 -17.82
N GLU A 171 -2.13 -7.56 -18.68
CA GLU A 171 -1.34 -6.48 -19.29
C GLU A 171 -0.74 -5.58 -18.21
N TRP A 172 -1.54 -5.23 -17.20
CA TRP A 172 -1.08 -4.41 -16.09
C TRP A 172 0.05 -5.10 -15.32
N ALA A 173 -0.14 -6.37 -15.01
CA ALA A 173 0.86 -7.14 -14.26
C ALA A 173 2.19 -7.22 -15.00
N LEU A 174 2.13 -7.47 -16.30
CA LEU A 174 3.34 -7.58 -17.11
C LEU A 174 4.15 -6.29 -17.14
N SER A 176 4.20 -4.32 -14.67
CA SER A 176 4.55 -4.11 -13.27
C SER A 176 5.63 -5.04 -12.74
N PHE A 177 6.07 -5.96 -13.59
CA PHE A 177 7.09 -6.95 -13.24
C PHE A 177 8.29 -6.88 -14.18
N TYR A 178 9.48 -6.87 -13.60
CA TYR A 178 10.72 -6.86 -14.36
C TYR A 178 10.87 -8.16 -15.17
N SER A 179 10.54 -9.28 -14.54
CA SER A 179 10.71 -10.61 -15.12
C SER A 179 9.38 -11.34 -15.28
N GLU A 180 9.12 -11.82 -16.50
CA GLU A 180 7.90 -12.59 -16.75
C GLU A 180 7.87 -13.87 -15.93
N GLU A 181 9.04 -14.47 -15.74
CA GLU A 181 9.19 -15.67 -14.92
C GLU A 181 8.79 -15.41 -13.47
N LYS A 182 9.23 -14.29 -12.92
CA LYS A 182 8.89 -13.92 -11.55
CA LYS A 182 8.89 -13.92 -11.55
C LYS A 182 7.38 -13.67 -11.37
N LEU A 183 6.74 -13.12 -12.41
CA LEU A 183 5.29 -12.94 -12.39
C LEU A 183 4.58 -14.30 -12.32
N GLU A 184 4.98 -15.22 -13.19
CA GLU A 184 4.36 -16.54 -13.24
CA GLU A 184 4.39 -16.57 -13.25
C GLU A 184 4.50 -17.26 -11.89
N GLU A 185 5.68 -17.16 -11.28
CA GLU A 185 5.92 -17.76 -9.98
C GLU A 185 5.12 -17.08 -8.87
N ALA A 186 5.00 -15.75 -8.96
CA ALA A 186 4.25 -14.98 -7.95
C ALA A 186 2.77 -15.34 -7.94
N LEU A 187 2.23 -15.67 -9.11
CA LEU A 187 0.81 -16.02 -9.25
C LEU A 187 0.42 -17.31 -8.53
N LYS A 188 1.42 -18.14 -8.22
CA LYS A 188 1.19 -19.40 -7.52
CA LYS A 188 1.19 -19.40 -7.52
C LYS A 188 1.08 -19.20 -6.00
N LEU A 189 1.54 -18.04 -5.52
CA LEU A 189 1.49 -17.71 -4.10
C LEU A 189 0.09 -17.29 -3.69
N PRO A 190 -0.31 -17.61 -2.44
CA PRO A 190 -1.60 -17.12 -1.95
C PRO A 190 -1.60 -15.60 -1.90
N ASN A 191 -2.71 -14.99 -2.32
CA ASN A 191 -2.78 -13.54 -2.39
C ASN A 191 -4.21 -13.04 -2.35
N SER A 192 -4.37 -11.82 -1.86
CA SER A 192 -5.63 -11.08 -1.93
C SER A 192 -5.29 -9.59 -1.94
N GLY A 193 -6.28 -8.76 -2.25
CA GLY A 193 -6.09 -7.32 -2.30
C GLY A 193 -6.75 -6.72 -3.53
N LYS A 194 -8.05 -7.00 -3.68
CA LYS A 194 -8.84 -6.49 -4.80
CA LYS A 194 -8.85 -6.50 -4.79
C LYS A 194 -9.12 -5.01 -4.63
N THR A 195 -9.03 -4.26 -5.72
CA THR A 195 -9.28 -2.82 -5.69
C THR A 195 -10.70 -2.52 -5.20
N VAL A 196 -10.81 -1.59 -4.27
CA VAL A 196 -12.11 -1.12 -3.78
C VAL A 196 -12.44 0.21 -4.45
N GLY A 197 -13.43 0.17 -5.35
CA GLY A 197 -13.80 1.32 -6.17
C GLY A 197 -14.12 2.59 -5.39
N ASN A 198 -14.90 2.47 -4.33
CA ASN A 198 -15.26 3.62 -3.50
C ASN A 198 -14.02 4.35 -3.00
N ARG A 199 -13.02 3.58 -2.59
CA ARG A 199 -11.82 4.12 -1.98
C ARG A 199 -10.84 4.66 -3.02
N LEU A 200 -10.74 3.97 -4.17
CA LEU A 200 -9.91 4.42 -5.28
C LEU A 200 -10.43 5.74 -5.83
N ASN A 201 -11.75 5.81 -6.05
CA ASN A 201 -12.39 7.04 -6.51
C ASN A 201 -12.12 8.20 -5.59
N TYR A 202 -12.23 7.97 -4.28
CA TYR A 202 -11.96 9.03 -3.32
C TYR A 202 -10.52 9.50 -3.40
N PHE A 203 -9.57 8.56 -3.51
CA PHE A 203 -8.18 8.94 -3.63
C PHE A 203 -7.95 9.80 -4.88
N ARG A 204 -8.45 9.34 -6.02
CA ARG A 204 -8.17 10.01 -7.29
C ARG A 204 -8.89 11.35 -7.44
N GLN A 205 -10.12 11.42 -6.94
CA GLN A 205 -10.98 12.59 -7.15
CA GLN A 205 -10.98 12.59 -7.15
C GLN A 205 -10.85 13.64 -6.05
N VAL A 206 -10.51 13.20 -4.83
CA VAL A 206 -10.47 14.11 -3.69
C VAL A 206 -9.09 14.23 -3.04
N GLU A 207 -8.50 13.09 -2.69
CA GLU A 207 -7.27 13.06 -1.89
C GLU A 207 -6.03 13.50 -2.67
N TYR A 208 -5.89 12.97 -3.89
CA TYR A 208 -4.69 13.16 -4.70
C TYR A 208 -4.28 14.63 -4.90
N LYS A 209 -5.24 15.48 -5.25
CA LYS A 209 -4.93 16.88 -5.59
C LYS A 209 -4.35 17.68 -4.43
N ASP A 210 -4.60 17.22 -3.20
CA ASP A 210 -4.12 17.88 -1.99
C ASP A 210 -2.97 17.13 -1.30
N TYR A 211 -2.47 16.07 -1.92
CA TYR A 211 -1.46 15.23 -1.26
C TYR A 211 -0.05 15.82 -1.34
N ASP A 212 0.48 16.18 -0.18
CA ASP A 212 1.84 16.70 -0.06
C ASP A 212 2.24 16.71 1.42
N VAL A 213 3.22 15.89 1.76
CA VAL A 213 3.74 15.82 3.13
C VAL A 213 5.25 16.12 3.20
N ARG A 214 5.81 16.67 2.12
CA ARG A 214 7.27 16.87 2.02
C ARG A 214 7.87 17.63 3.20
N GLN A 215 7.26 18.74 3.58
CA GLN A 215 7.79 19.56 4.66
C GLN A 215 7.62 18.87 6.01
N LYS A 216 6.48 18.21 6.19
CA LYS A 216 6.22 17.51 7.45
C LYS A 216 7.16 16.33 7.66
N LEU A 217 7.67 15.73 6.58
CA LEU A 217 8.58 14.58 6.71
C LEU A 217 9.87 14.91 7.46
N LYS A 218 10.28 16.18 7.40
CA LYS A 218 11.49 16.64 8.08
CA LYS A 218 11.49 16.62 8.09
C LYS A 218 11.36 16.55 9.61
N PHE A 219 10.12 16.39 10.08
CA PHE A 219 9.84 16.33 11.52
C PHE A 219 9.40 14.94 11.97
N VAL A 220 9.47 13.97 11.06
CA VAL A 220 9.23 12.56 11.36
C VAL A 220 10.54 11.98 11.93
N LYS A 221 10.48 11.51 13.18
CA LYS A 221 11.68 11.15 13.93
C LYS A 221 11.85 9.64 14.15
N ILE A 222 10.84 8.87 13.74
CA ILE A 222 10.83 7.42 13.93
CA ILE A 222 10.83 7.43 13.93
C ILE A 222 11.67 6.71 12.86
N PRO A 223 12.16 5.47 13.19
CA PRO A 223 12.86 4.70 12.16
C PRO A 223 11.98 4.52 10.94
N SER A 224 12.53 4.81 9.76
CA SER A 224 11.78 4.78 8.53
C SER A 224 12.55 3.99 7.48
N PHE A 225 11.96 2.87 7.04
CA PHE A 225 12.64 1.98 6.12
C PHE A 225 11.99 2.10 4.74
N ILE A 226 12.65 2.84 3.87
CA ILE A 226 12.13 3.16 2.54
C ILE A 226 12.74 2.19 1.53
N TYR A 227 11.94 1.71 0.59
CA TYR A 227 12.46 0.84 -0.47
C TYR A 227 11.70 1.09 -1.76
N CYS A 228 12.29 0.68 -2.88
CA CYS A 228 11.66 0.81 -4.18
C CYS A 228 12.39 -0.04 -5.21
N GLY A 229 11.61 -0.58 -6.15
CA GLY A 229 12.20 -1.23 -7.33
C GLY A 229 12.81 -0.18 -8.23
N LYS A 230 14.02 -0.46 -8.72
CA LYS A 230 14.74 0.44 -9.61
CA LYS A 230 14.74 0.44 -9.61
C LYS A 230 13.87 0.82 -10.83
N HIS A 231 13.12 -0.15 -11.32
CA HIS A 231 12.36 0.02 -12.56
C HIS A 231 10.87 0.34 -12.38
N ASP A 232 10.49 0.74 -11.17
CA ASP A 232 9.10 1.09 -10.88
C ASP A 232 8.64 2.22 -11.80
N VAL A 233 7.52 2.01 -12.49
CA VAL A 233 6.97 3.03 -13.41
C VAL A 233 5.74 3.74 -12.86
N GLN A 234 5.37 3.46 -11.62
CA GLN A 234 4.23 4.14 -11.01
C GLN A 234 4.71 5.36 -10.22
N CYS A 235 5.34 5.14 -9.06
CA CYS A 235 6.14 6.17 -8.41
C CYS A 235 7.61 5.90 -8.74
N PRO A 236 8.20 6.66 -9.68
CA PRO A 236 9.59 6.42 -10.04
C PRO A 236 10.55 6.46 -8.85
N TYR A 237 11.66 5.75 -8.98
CA TYR A 237 12.64 5.55 -7.91
C TYR A 237 13.06 6.85 -7.18
N ILE A 238 13.22 7.93 -7.94
CA ILE A 238 13.63 9.22 -7.37
C ILE A 238 12.71 9.70 -6.23
N PHE A 239 11.44 9.30 -6.28
CA PHE A 239 10.49 9.71 -5.24
C PHE A 239 10.71 8.99 -3.92
N SER A 240 11.21 7.76 -3.98
CA SER A 240 11.65 7.06 -2.78
C SER A 240 12.95 7.67 -2.26
N CYS A 241 13.83 8.10 -3.17
CA CYS A 241 15.04 8.83 -2.78
C CYS A 241 14.68 10.10 -2.02
N GLU A 242 13.68 10.83 -2.50
CA GLU A 242 13.23 12.05 -1.84
C GLU A 242 12.73 11.76 -0.44
N ILE A 243 11.84 10.77 -0.31
CA ILE A 243 11.32 10.38 1.01
C ILE A 243 12.44 10.07 1.99
N ALA A 244 13.40 9.23 1.58
CA ALA A 244 14.49 8.83 2.45
C ALA A 244 15.41 9.99 2.83
N ASN A 245 15.58 10.95 1.93
CA ASN A 245 16.36 12.14 2.22
C ASN A 245 15.68 13.08 3.23
N LEU A 246 14.36 13.26 3.07
CA LEU A 246 13.62 14.21 3.88
C LEU A 246 13.45 13.76 5.34
N ILE A 247 13.22 12.46 5.53
CA ILE A 247 13.06 11.90 6.88
C ILE A 247 14.44 11.75 7.52
N PRO A 248 14.66 12.41 8.68
CA PRO A 248 15.99 12.42 9.31
C PRO A 248 16.59 11.04 9.60
N ASN A 249 15.77 10.09 10.06
CA ASN A 249 16.30 8.78 10.46
C ASN A 249 15.90 7.65 9.50
N ALA A 250 15.87 7.96 8.21
CA ALA A 250 15.46 6.97 7.20
C ALA A 250 16.62 6.22 6.56
N THR A 251 16.36 4.99 6.16
CA THR A 251 17.27 4.26 5.27
C THR A 251 16.57 4.01 3.94
N LEU A 252 17.35 3.76 2.89
CA LEU A 252 16.83 3.50 1.56
C LEU A 252 17.40 2.21 1.01
N THR A 253 16.52 1.32 0.54
CA THR A 253 16.93 0.04 -0.02
C THR A 253 16.47 -0.05 -1.46
N LYS A 254 17.41 -0.26 -2.36
CA LYS A 254 17.13 -0.33 -3.79
C LYS A 254 17.01 -1.78 -4.23
N PHE A 255 15.93 -2.09 -4.95
CA PHE A 255 15.74 -3.41 -5.52
C PHE A 255 16.03 -3.34 -7.02
N GLU A 256 17.24 -3.78 -7.36
CA GLU A 256 17.81 -3.57 -8.69
C GLU A 256 17.13 -4.35 -9.80
N GLU A 257 16.52 -5.48 -9.44
CA GLU A 257 15.87 -6.34 -10.43
CA GLU A 257 15.87 -6.37 -10.41
C GLU A 257 14.35 -6.38 -10.25
N SER A 258 13.79 -5.25 -9.81
CA SER A 258 12.37 -5.15 -9.55
C SER A 258 11.74 -3.95 -10.23
N ASN A 259 10.49 -4.12 -10.64
CA ASN A 259 9.67 -3.03 -11.08
CA ASN A 259 9.66 -3.03 -11.09
C ASN A 259 8.83 -2.53 -9.90
N HIS A 260 7.58 -2.96 -9.82
CA HIS A 260 6.66 -2.47 -8.78
C HIS A 260 6.51 -3.38 -7.57
N ASN A 261 6.99 -4.62 -7.65
CA ASN A 261 6.68 -5.65 -6.66
CA ASN A 261 6.70 -5.62 -6.63
C ASN A 261 7.91 -6.37 -6.07
N PRO A 262 8.85 -5.62 -5.44
CA PRO A 262 10.09 -6.27 -4.94
C PRO A 262 9.89 -7.46 -4.01
N PHE A 263 8.82 -7.44 -3.22
CA PHE A 263 8.50 -8.51 -2.26
C PHE A 263 8.26 -9.88 -2.90
N VAL A 264 7.91 -9.90 -4.20
CA VAL A 264 7.84 -11.15 -4.96
C VAL A 264 8.86 -11.24 -6.12
N GLU A 265 9.41 -10.11 -6.53
CA GLU A 265 10.39 -10.10 -7.63
C GLU A 265 11.79 -10.46 -7.16
N GLU A 266 12.09 -10.12 -5.91
CA GLU A 266 13.39 -10.42 -5.29
C GLU A 266 13.15 -10.91 -3.88
N ILE A 267 12.62 -12.12 -3.77
CA ILE A 267 12.14 -12.67 -2.50
C ILE A 267 13.25 -12.75 -1.44
N ASP A 268 14.40 -13.29 -1.81
CA ASP A 268 15.52 -13.42 -0.87
C ASP A 268 15.99 -12.07 -0.34
N LYS A 269 16.18 -11.10 -1.23
CA LYS A 269 16.61 -9.77 -0.82
C LYS A 269 15.53 -9.06 0.02
N PHE A 270 14.25 -9.26 -0.34
CA PHE A 270 13.18 -8.67 0.45
C PHE A 270 13.12 -9.27 1.86
N ASN A 271 13.37 -10.58 1.97
CA ASN A 271 13.46 -11.23 3.27
C ASN A 271 14.57 -10.63 4.13
N GLN A 272 15.72 -10.35 3.51
CA GLN A 272 16.83 -9.70 4.19
CA GLN A 272 16.82 -9.71 4.20
C GLN A 272 16.43 -8.29 4.63
N PHE A 273 15.71 -7.58 3.77
CA PHE A 273 15.18 -6.26 4.09
C PHE A 273 14.29 -6.31 5.33
N VAL A 274 13.36 -7.27 5.37
CA VAL A 274 12.47 -7.44 6.53
C VAL A 274 13.27 -7.63 7.81
N ASN A 275 14.24 -8.55 7.78
CA ASN A 275 15.11 -8.78 8.92
C ASN A 275 15.83 -7.52 9.39
N ASP A 276 16.23 -6.69 8.42
CA ASP A 276 16.98 -5.46 8.71
C ASP A 276 16.13 -4.33 9.30
N THR A 277 14.81 -4.49 9.27
CA THR A 277 13.90 -3.51 9.91
C THR A 277 13.74 -3.74 11.42
N LEU A 278 14.25 -4.87 11.91
CA LEU A 278 14.07 -5.25 13.31
C LEU A 278 14.94 -4.43 14.26
#